data_5LHU
#
_entry.id   5LHU
#
_cell.length_a   117.012
_cell.length_b   117.012
_cell.length_c   127.332
_cell.angle_alpha   90.00
_cell.angle_beta   90.00
_cell.angle_gamma   120.00
#
_symmetry.space_group_name_H-M   'H 3 2'
#
loop_
_entity.id
_entity.type
_entity.pdbx_description
1 polymer 'ATP phosphoribosyltransferase'
2 non-polymer HISTIDINE
3 non-polymer 'SULFATE ION'
4 non-polymer GLYCEROL
5 water water
#
_entity_poly.entity_id   1
_entity_poly.type   'polypeptide(L)'
_entity_poly.pdbx_seq_one_letter_code
;MAHHHHHHAAMLRVAVPNKGALSEPATEILAEAGYRRRTDSKDLTVIDPVNNVEFFFLRPKDIAIYVGSGELDFGITGRD
LVCDSGAQVRERLALGFGSSSFRYAAPAGRNWTTADLAGMRIATAYPNLVRKDLATKGIEATVIRLDGAVEISVQLGVAD
AIADVVGSGRTLSQHDLVAFGEPLCDSEAVLIERAGTDGQDQTEARDQLVARVQGVVFGQQYLMLDYDCPRSALKKATAI
TPGLESPTIAPLADPDWVAIRALVPRRDVNGIMDELAAIGAKAILASDIRFCRF
;
_entity_poly.pdbx_strand_id   A
#
loop_
_chem_comp.id
_chem_comp.type
_chem_comp.name
_chem_comp.formula
GOL non-polymer GLYCEROL 'C3 H8 O3'
SO4 non-polymer 'SULFATE ION' 'O4 S -2'
#
# COMPACT_ATOMS: atom_id res chain seq x y z
N MET A 11 -17.00 16.93 -10.59
CA MET A 11 -16.03 16.19 -11.39
C MET A 11 -14.68 16.13 -10.66
N LEU A 12 -14.21 14.92 -10.36
CA LEU A 12 -12.95 14.69 -9.66
C LEU A 12 -11.87 14.25 -10.64
N ARG A 13 -10.62 14.62 -10.33
CA ARG A 13 -9.47 14.23 -11.12
C ARG A 13 -8.50 13.46 -10.23
N VAL A 14 -8.09 12.26 -10.68
CA VAL A 14 -7.32 11.33 -9.89
C VAL A 14 -6.10 10.91 -10.69
N ALA A 15 -4.92 10.98 -10.05
CA ALA A 15 -3.65 10.63 -10.70
C ALA A 15 -3.25 9.21 -10.32
N VAL A 16 -2.90 8.41 -11.34
CA VAL A 16 -2.61 6.98 -11.20
C VAL A 16 -1.23 6.71 -11.78
N PRO A 17 -0.40 5.89 -11.15
CA PRO A 17 0.93 5.60 -11.71
C PRO A 17 0.80 4.94 -13.08
N ASN A 18 1.57 5.44 -14.06
CA ASN A 18 1.42 4.94 -15.41
C ASN A 18 2.35 3.76 -15.71
N LYS A 19 3.33 3.48 -14.86
CA LYS A 19 4.21 2.34 -15.05
C LYS A 19 4.90 2.05 -13.72
N GLY A 20 5.55 0.89 -13.64
CA GLY A 20 6.29 0.49 -12.47
C GLY A 20 5.48 -0.44 -11.57
N ALA A 21 6.12 -0.83 -10.47
CA ALA A 21 5.57 -1.84 -9.57
C ALA A 21 4.21 -1.43 -8.98
N LEU A 22 3.88 -0.14 -8.93
CA LEU A 22 2.64 0.31 -8.32
C LEU A 22 1.47 0.39 -9.30
N SER A 23 1.71 0.24 -10.61
CA SER A 23 0.70 0.57 -11.61
C SER A 23 -0.45 -0.44 -11.64
N GLU A 24 -0.15 -1.74 -11.78
CA GLU A 24 -1.22 -2.74 -11.85
C GLU A 24 -2.01 -2.82 -10.55
N PRO A 25 -1.40 -2.97 -9.37
CA PRO A 25 -2.22 -3.00 -8.14
C PRO A 25 -3.00 -1.71 -7.91
N ALA A 26 -2.51 -0.56 -8.38
CA ALA A 26 -3.30 0.67 -8.29
C ALA A 26 -4.57 0.56 -9.14
N THR A 27 -4.43 0.14 -10.40
CA THR A 27 -5.62 -0.05 -11.23
CA THR A 27 -5.63 -0.05 -11.22
C THR A 27 -6.53 -1.12 -10.63
N GLU A 28 -5.94 -2.18 -10.06
CA GLU A 28 -6.77 -3.23 -9.49
C GLU A 28 -7.64 -2.69 -8.34
N ILE A 29 -7.04 -1.93 -7.42
CA ILE A 29 -7.84 -1.44 -6.31
C ILE A 29 -8.90 -0.47 -6.79
N LEU A 30 -8.61 0.35 -7.81
CA LEU A 30 -9.64 1.28 -8.29
C LEU A 30 -10.79 0.54 -8.96
N ALA A 31 -10.50 -0.54 -9.68
CA ALA A 31 -11.55 -1.36 -10.26
C ALA A 31 -12.45 -1.99 -9.20
N GLU A 32 -11.85 -2.53 -8.12
CA GLU A 32 -12.67 -3.15 -7.09
C GLU A 32 -13.54 -2.14 -6.34
N ALA A 33 -13.14 -0.87 -6.32
CA ALA A 33 -14.03 0.18 -5.79
C ALA A 33 -15.08 0.59 -6.80
N GLY A 34 -15.11 -0.01 -7.99
CA GLY A 34 -16.18 0.22 -8.94
C GLY A 34 -15.94 1.30 -9.97
N TYR A 35 -14.69 1.67 -10.23
CA TYR A 35 -14.38 2.68 -11.23
C TYR A 35 -13.97 2.05 -12.56
N ARG A 36 -14.26 2.75 -13.64
CA ARG A 36 -13.96 2.27 -14.99
C ARG A 36 -12.48 1.99 -15.15
N ARG A 37 -12.15 0.81 -15.66
CA ARG A 37 -10.77 0.40 -15.84
C ARG A 37 -10.20 1.01 -17.13
N ARG A 38 -8.87 1.12 -17.17
CA ARG A 38 -8.22 1.75 -18.32
C ARG A 38 -8.50 0.95 -19.57
N THR A 39 -9.16 1.59 -20.54
CA THR A 39 -9.57 0.92 -21.77
C THR A 39 -8.38 0.25 -22.47
N ASP A 40 -7.27 0.97 -22.60
CA ASP A 40 -6.06 0.42 -23.20
C ASP A 40 -4.85 1.17 -22.64
N SER A 41 -3.75 0.45 -22.45
CA SER A 41 -2.57 1.01 -21.80
C SER A 41 -1.86 2.06 -22.64
N LYS A 42 -2.34 2.36 -23.85
CA LYS A 42 -1.67 3.34 -24.69
C LYS A 42 -2.07 4.77 -24.32
N ASP A 43 -3.37 5.06 -24.27
CA ASP A 43 -3.80 6.40 -23.94
C ASP A 43 -3.62 6.68 -22.44
N LEU A 44 -3.67 7.95 -22.08
CA LEU A 44 -3.23 8.37 -20.76
C LEU A 44 -4.32 9.04 -19.94
N THR A 45 -5.55 9.13 -20.44
CA THR A 45 -6.68 9.49 -19.60
C THR A 45 -7.78 8.45 -19.77
N VAL A 46 -8.64 8.38 -18.76
CA VAL A 46 -9.85 7.55 -18.77
C VAL A 46 -10.94 8.36 -18.09
N ILE A 47 -12.04 8.62 -18.81
CA ILE A 47 -13.13 9.40 -18.28
C ILE A 47 -14.22 8.45 -17.81
N ASP A 48 -14.69 8.66 -16.58
CA ASP A 48 -15.73 7.83 -15.99
C ASP A 48 -16.99 8.68 -15.86
N PRO A 49 -17.89 8.66 -16.86
CA PRO A 49 -19.07 9.56 -16.80
C PRO A 49 -20.07 9.18 -15.73
N VAL A 50 -20.23 7.89 -15.40
CA VAL A 50 -21.24 7.51 -14.42
C VAL A 50 -20.79 7.89 -13.01
N ASN A 51 -19.50 7.74 -12.72
CA ASN A 51 -18.96 8.08 -11.41
C ASN A 51 -18.50 9.54 -11.32
N ASN A 52 -18.40 10.24 -12.45
CA ASN A 52 -18.03 11.67 -12.48
C ASN A 52 -16.59 11.86 -11.99
N VAL A 53 -15.68 11.05 -12.54
CA VAL A 53 -14.27 11.07 -12.20
C VAL A 53 -13.46 10.90 -13.48
N GLU A 54 -12.32 11.58 -13.57
CA GLU A 54 -11.37 11.41 -14.66
C GLU A 54 -10.03 10.97 -14.11
N PHE A 55 -9.46 9.93 -14.70
CA PHE A 55 -8.19 9.36 -14.26
C PHE A 55 -7.08 9.73 -15.23
N PHE A 56 -5.96 10.20 -14.70
CA PHE A 56 -4.78 10.59 -15.47
C PHE A 56 -3.61 9.68 -15.08
N PHE A 57 -2.97 9.08 -16.07
CA PHE A 57 -1.88 8.14 -15.82
C PHE A 57 -0.55 8.89 -16.01
N LEU A 58 0.20 9.07 -14.92
CA LEU A 58 1.35 9.97 -14.88
C LEU A 58 2.59 9.25 -14.34
N ARG A 59 3.74 9.92 -14.46
CA ARG A 59 4.98 9.39 -13.90
C ARG A 59 4.85 9.27 -12.38
N PRO A 60 5.22 8.14 -11.79
CA PRO A 60 5.05 7.99 -10.33
C PRO A 60 5.72 9.08 -9.52
N LYS A 61 6.95 9.45 -9.90
CA LYS A 61 7.71 10.43 -9.13
C LYS A 61 7.09 11.82 -9.17
N ASP A 62 6.19 12.08 -10.11
CA ASP A 62 5.56 13.39 -10.23
C ASP A 62 4.19 13.48 -9.56
N ILE A 63 3.61 12.36 -9.13
CA ILE A 63 2.20 12.40 -8.76
C ILE A 63 1.96 13.31 -7.56
N ALA A 64 2.89 13.31 -6.58
CA ALA A 64 2.68 14.15 -5.40
C ALA A 64 2.67 15.64 -5.75
N ILE A 65 3.51 16.05 -6.71
CA ILE A 65 3.50 17.45 -7.13
C ILE A 65 2.20 17.81 -7.84
N TYR A 66 1.66 16.89 -8.64
CA TYR A 66 0.39 17.16 -9.33
C TYR A 66 -0.76 17.34 -8.34
N VAL A 67 -0.79 16.55 -7.27
CA VAL A 67 -1.84 16.71 -6.26
C VAL A 67 -1.58 17.97 -5.44
N GLY A 68 -0.33 18.24 -5.09
CA GLY A 68 -0.04 19.30 -4.14
C GLY A 68 -0.03 20.69 -4.72
N SER A 69 0.35 20.83 -5.99
CA SER A 69 0.40 22.14 -6.65
C SER A 69 -0.54 22.26 -7.83
N GLY A 70 -1.16 21.17 -8.28
CA GLY A 70 -2.00 21.17 -9.45
C GLY A 70 -3.46 21.09 -9.10
N GLU A 71 -4.27 20.69 -10.09
CA GLU A 71 -5.71 20.60 -9.91
C GLU A 71 -6.21 19.21 -9.51
N LEU A 72 -5.31 18.22 -9.39
CA LEU A 72 -5.76 16.86 -9.06
C LEU A 72 -6.30 16.82 -7.64
N ASP A 73 -7.42 16.11 -7.45
CA ASP A 73 -7.97 15.93 -6.11
C ASP A 73 -7.27 14.81 -5.34
N PHE A 74 -6.88 13.73 -6.03
CA PHE A 74 -6.28 12.57 -5.38
C PHE A 74 -5.15 12.03 -6.24
N GLY A 75 -4.27 11.25 -5.59
CA GLY A 75 -3.30 10.43 -6.31
C GLY A 75 -2.99 9.17 -5.54
N ILE A 76 -2.39 8.21 -6.24
CA ILE A 76 -1.85 7.01 -5.62
C ILE A 76 -0.36 6.98 -5.89
N THR A 77 0.44 6.96 -4.83
CA THR A 77 1.90 6.93 -5.02
C THR A 77 2.55 6.30 -3.79
N GLY A 78 3.88 6.19 -3.84
CA GLY A 78 4.62 5.65 -2.72
C GLY A 78 4.80 6.68 -1.61
N ARG A 79 4.85 6.18 -0.37
CA ARG A 79 5.03 7.10 0.74
C ARG A 79 6.39 7.80 0.68
N ASP A 80 7.42 7.13 0.17
CA ASP A 80 8.71 7.79 0.05
C ASP A 80 8.66 8.91 -0.97
N LEU A 81 7.88 8.74 -2.04
CA LEU A 81 7.77 9.78 -3.07
C LEU A 81 7.05 11.01 -2.55
N VAL A 82 6.18 10.84 -1.55
CA VAL A 82 5.59 12.01 -0.90
C VAL A 82 6.60 12.67 0.02
N CYS A 83 7.37 11.87 0.78
CA CYS A 83 8.45 12.44 1.59
C CYS A 83 9.46 13.20 0.73
N ASP A 84 9.76 12.69 -0.48
CA ASP A 84 10.76 13.38 -1.30
C ASP A 84 10.22 14.63 -2.00
N SER A 85 8.90 14.73 -2.20
CA SER A 85 8.37 15.77 -3.08
C SER A 85 8.32 17.14 -2.42
N GLY A 86 8.21 17.20 -1.09
CA GLY A 86 7.98 18.46 -0.42
C GLY A 86 6.57 19.01 -0.56
N ALA A 87 5.67 18.27 -1.21
CA ALA A 87 4.29 18.70 -1.38
C ALA A 87 3.53 18.68 -0.06
N GLN A 88 2.51 19.53 0.03
CA GLN A 88 1.62 19.58 1.21
C GLN A 88 0.32 18.88 0.85
N VAL A 89 0.27 17.57 1.11
CA VAL A 89 -0.87 16.73 0.78
C VAL A 89 -1.25 15.93 2.03
N ARG A 90 -2.48 15.42 2.04
CA ARG A 90 -2.97 14.57 3.13
C ARG A 90 -2.88 13.10 2.72
N GLU A 91 -2.29 12.27 3.58
CA GLU A 91 -2.30 10.82 3.38
C GLU A 91 -3.57 10.25 3.99
N ARG A 92 -4.50 9.80 3.14
CA ARG A 92 -5.78 9.33 3.68
C ARG A 92 -5.79 7.85 4.02
N LEU A 93 -5.13 7.00 3.24
CA LEU A 93 -5.16 5.55 3.46
C LEU A 93 -3.85 4.91 3.05
N ALA A 94 -3.41 3.91 3.83
CA ALA A 94 -2.36 3.00 3.38
C ALA A 94 -3.03 1.85 2.62
N LEU A 95 -2.54 1.57 1.42
CA LEU A 95 -3.29 0.69 0.52
C LEU A 95 -2.93 -0.79 0.63
N GLY A 96 -1.85 -1.13 1.32
CA GLY A 96 -1.53 -2.53 1.57
C GLY A 96 -0.70 -3.21 0.51
N PHE A 97 0.00 -2.46 -0.35
CA PHE A 97 0.92 -3.06 -1.29
C PHE A 97 2.12 -2.15 -1.49
N GLY A 98 3.15 -2.69 -2.14
CA GLY A 98 4.27 -1.91 -2.60
C GLY A 98 5.26 -1.53 -1.52
N SER A 99 5.10 -2.05 -0.32
CA SER A 99 5.91 -1.56 0.79
C SER A 99 7.28 -2.23 0.78
N SER A 100 8.26 -1.49 1.28
CA SER A 100 9.65 -1.88 1.22
C SER A 100 10.43 -0.88 2.05
N SER A 101 11.53 -1.32 2.64
CA SER A 101 12.30 -0.44 3.48
C SER A 101 13.19 0.49 2.64
N PHE A 102 13.60 1.59 3.25
CA PHE A 102 14.47 2.59 2.63
C PHE A 102 15.68 2.75 3.54
N ARG A 103 16.88 2.44 3.04
CA ARG A 103 18.05 2.33 3.90
C ARG A 103 19.25 3.06 3.31
N TYR A 104 20.13 3.56 4.19
CA TYR A 104 21.51 3.86 3.82
C TYR A 104 22.27 2.55 3.59
N ALA A 105 23.26 2.59 2.71
CA ALA A 105 24.06 1.39 2.43
C ALA A 105 25.46 1.80 1.98
N ALA A 106 26.44 0.94 2.28
CA ALA A 106 27.84 1.23 2.02
C ALA A 106 28.58 -0.08 1.79
N PRO A 107 29.82 -0.01 1.32
CA PRO A 107 30.54 -1.24 0.96
C PRO A 107 30.69 -2.20 2.14
N ALA A 108 30.36 -3.46 1.90
CA ALA A 108 30.52 -4.52 2.89
C ALA A 108 31.91 -4.54 3.49
N GLY A 109 32.01 -4.99 4.74
CA GLY A 109 33.28 -5.22 5.38
C GLY A 109 33.98 -4.00 5.96
N ARG A 110 33.23 -2.95 6.32
CA ARG A 110 33.84 -1.76 6.92
C ARG A 110 33.14 -1.29 8.19
N ASN A 111 32.08 -1.97 8.63
CA ASN A 111 31.33 -1.61 9.83
C ASN A 111 30.94 -0.12 9.80
N TRP A 112 30.08 0.20 8.84
CA TRP A 112 29.55 1.56 8.72
C TRP A 112 28.47 1.79 9.77
N THR A 113 28.47 2.99 10.34
CA THR A 113 27.39 3.42 11.23
C THR A 113 26.94 4.80 10.78
N THR A 114 25.79 5.24 11.29
CA THR A 114 25.16 6.47 10.80
C THR A 114 26.09 7.67 10.94
N ALA A 115 26.85 7.72 12.02
CA ALA A 115 27.76 8.85 12.25
C ALA A 115 28.88 8.93 11.23
N ASP A 116 29.21 7.82 10.55
CA ASP A 116 30.26 7.87 9.53
C ASP A 116 29.86 8.69 8.31
N LEU A 117 28.59 9.07 8.19
CA LEU A 117 28.14 9.80 7.01
C LEU A 117 28.55 11.28 7.03
N ALA A 118 28.88 11.83 8.20
CA ALA A 118 29.23 13.25 8.31
C ALA A 118 30.31 13.63 7.31
N GLY A 119 30.01 14.62 6.47
CA GLY A 119 30.96 15.10 5.47
C GLY A 119 31.18 14.19 4.28
N MET A 120 30.45 13.09 4.16
CA MET A 120 30.64 12.16 3.06
C MET A 120 29.74 12.54 1.88
N ARG A 121 29.87 11.80 0.78
CA ARG A 121 29.07 11.99 -0.42
C ARG A 121 28.08 10.85 -0.51
N ILE A 122 26.78 11.17 -0.56
CA ILE A 122 25.69 10.19 -0.51
C ILE A 122 24.85 10.36 -1.77
N ALA A 123 24.77 9.31 -2.57
CA ALA A 123 24.00 9.36 -3.82
C ALA A 123 22.63 8.75 -3.62
N THR A 124 21.62 9.36 -4.23
CA THR A 124 20.25 8.91 -4.05
C THR A 124 19.36 9.52 -5.13
N ALA A 125 18.28 8.80 -5.46
CA ALA A 125 17.24 9.36 -6.30
C ALA A 125 16.23 10.19 -5.50
N TYR A 126 16.39 10.27 -4.18
CA TYR A 126 15.43 10.98 -3.33
C TYR A 126 16.18 11.99 -2.45
N PRO A 127 16.81 13.01 -3.05
CA PRO A 127 17.71 13.88 -2.27
C PRO A 127 17.01 14.70 -1.19
N ASN A 128 15.77 15.15 -1.42
CA ASN A 128 15.10 15.94 -0.39
C ASN A 128 14.75 15.09 0.82
N LEU A 129 14.32 13.84 0.57
CA LEU A 129 14.05 12.91 1.67
C LEU A 129 15.31 12.73 2.53
N VAL A 130 16.45 12.49 1.88
CA VAL A 130 17.68 12.19 2.60
C VAL A 130 18.17 13.43 3.35
N ARG A 131 18.18 14.59 2.70
CA ARG A 131 18.62 15.81 3.38
C ARG A 131 17.79 16.11 4.64
N LYS A 132 16.47 15.90 4.59
CA LYS A 132 15.67 16.13 5.80
C LYS A 132 15.97 15.09 6.88
N ASP A 133 16.21 13.83 6.49
CA ASP A 133 16.53 12.80 7.47
C ASP A 133 17.84 13.11 8.19
N LEU A 134 18.87 13.51 7.44
CA LEU A 134 20.16 13.83 8.06
C LEU A 134 20.06 15.05 8.97
N ALA A 135 19.34 16.09 8.53
CA ALA A 135 19.18 17.29 9.33
C ALA A 135 18.57 16.99 10.69
N THR A 136 17.51 16.18 10.71
CA THR A 136 16.86 15.79 11.96
C THR A 136 17.85 15.11 12.91
N LYS A 137 18.78 14.34 12.36
CA LYS A 137 19.78 13.66 13.16
C LYS A 137 20.98 14.53 13.47
N GLY A 138 20.99 15.79 13.00
CA GLY A 138 22.08 16.70 13.25
C GLY A 138 23.34 16.49 12.43
N ILE A 139 23.25 15.83 11.27
CA ILE A 139 24.41 15.44 10.48
C ILE A 139 24.40 16.23 9.17
N GLU A 140 25.57 16.75 8.79
CA GLU A 140 25.78 17.44 7.52
C GLU A 140 26.59 16.54 6.58
N ALA A 141 26.14 16.45 5.32
CA ALA A 141 26.83 15.68 4.30
C ALA A 141 26.48 16.28 2.93
N THR A 142 27.12 15.76 1.88
CA THR A 142 26.89 16.20 0.50
C THR A 142 26.00 15.19 -0.22
N VAL A 143 24.75 15.55 -0.48
CA VAL A 143 23.77 14.64 -1.08
C VAL A 143 23.74 14.90 -2.58
N ILE A 144 23.95 13.86 -3.38
CA ILE A 144 24.10 13.94 -4.83
C ILE A 144 22.86 13.33 -5.48
N ARG A 145 22.10 14.14 -6.23
CA ARG A 145 20.94 13.63 -6.93
C ARG A 145 21.37 12.80 -8.13
N LEU A 146 20.80 11.58 -8.25
CA LEU A 146 20.91 10.80 -9.47
C LEU A 146 19.52 10.39 -9.95
N ASP A 147 19.43 10.05 -11.24
CA ASP A 147 18.13 9.78 -11.83
C ASP A 147 17.62 8.37 -11.53
N GLY A 148 18.51 7.39 -11.45
CA GLY A 148 18.06 6.07 -11.07
C GLY A 148 19.25 5.21 -10.71
N ALA A 149 18.95 3.91 -10.50
CA ALA A 149 19.94 2.87 -10.21
C ALA A 149 21.19 3.39 -9.55
N VAL A 150 21.11 3.75 -8.26
CA VAL A 150 22.24 4.45 -7.65
C VAL A 150 23.32 3.53 -7.14
N GLU A 151 23.06 2.22 -7.04
CA GLU A 151 23.98 1.33 -6.34
C GLU A 151 25.37 1.30 -6.97
N ILE A 152 25.47 1.43 -8.29
CA ILE A 152 26.77 1.37 -8.96
C ILE A 152 27.61 2.62 -8.73
N SER A 153 27.02 3.70 -8.19
CA SER A 153 27.75 4.96 -8.04
C SER A 153 28.91 4.86 -7.07
N VAL A 154 28.91 3.88 -6.16
CA VAL A 154 30.05 3.75 -5.26
C VAL A 154 31.26 3.16 -6.00
N GLN A 155 31.07 2.03 -6.68
CA GLN A 155 32.13 1.45 -7.49
C GLN A 155 32.71 2.46 -8.47
N LEU A 156 31.86 3.30 -9.05
CA LEU A 156 32.29 4.24 -10.07
C LEU A 156 32.77 5.57 -9.52
N GLY A 157 32.88 5.71 -8.19
CA GLY A 157 33.59 6.85 -7.62
C GLY A 157 32.79 8.12 -7.41
N VAL A 158 31.47 8.09 -7.62
CA VAL A 158 30.67 9.31 -7.48
C VAL A 158 30.28 9.56 -6.01
N ALA A 159 30.19 8.51 -5.19
CA ALA A 159 29.69 8.66 -3.82
C ALA A 159 30.38 7.66 -2.91
N ASP A 160 30.32 7.92 -1.59
CA ASP A 160 30.86 7.01 -0.57
C ASP A 160 29.81 6.03 -0.07
N ALA A 161 28.55 6.44 -0.08
CA ALA A 161 27.43 5.65 0.39
C ALA A 161 26.23 6.00 -0.47
N ILE A 162 25.17 5.21 -0.36
CA ILE A 162 23.91 5.47 -1.06
C ILE A 162 22.75 5.40 -0.07
N ALA A 163 21.57 5.81 -0.56
CA ALA A 163 20.30 5.67 0.15
C ALA A 163 19.23 5.31 -0.86
N ASP A 164 18.54 4.19 -0.66
CA ASP A 164 17.63 3.72 -1.70
C ASP A 164 16.61 2.77 -1.10
N VAL A 165 15.50 2.59 -1.82
CA VAL A 165 14.58 1.51 -1.50
C VAL A 165 15.32 0.19 -1.59
N VAL A 166 15.12 -0.66 -0.60
CA VAL A 166 15.66 -2.01 -0.58
C VAL A 166 14.48 -2.97 -0.65
N GLY A 167 14.60 -4.01 -1.47
CA GLY A 167 13.52 -4.96 -1.49
C GLY A 167 13.82 -6.10 -0.56
N SER A 168 14.45 -7.13 -1.11
CA SER A 168 15.01 -8.23 -0.34
C SER A 168 16.54 -8.18 -0.35
N GLY A 169 17.11 -7.02 -0.72
CA GLY A 169 18.55 -6.86 -0.71
C GLY A 169 19.27 -7.43 -1.92
N ARG A 170 18.55 -7.83 -2.97
CA ARG A 170 19.19 -8.37 -4.15
C ARG A 170 20.15 -7.35 -4.76
N THR A 171 19.66 -6.12 -4.94
CA THR A 171 20.50 -5.09 -5.56
C THR A 171 21.72 -4.76 -4.70
N LEU A 172 21.56 -4.78 -3.37
CA LEU A 172 22.69 -4.48 -2.50
C LEU A 172 23.77 -5.55 -2.61
N SER A 173 23.39 -6.82 -2.45
CA SER A 173 24.39 -7.88 -2.50
C SER A 173 25.04 -7.99 -3.86
N GLN A 174 24.30 -7.69 -4.94
CA GLN A 174 24.86 -7.72 -6.28
C GLN A 174 25.91 -6.64 -6.51
N HIS A 175 26.06 -5.68 -5.59
CA HIS A 175 27.11 -4.67 -5.67
C HIS A 175 27.95 -4.63 -4.40
N ASP A 176 27.85 -5.66 -3.55
CA ASP A 176 28.68 -5.78 -2.34
C ASP A 176 28.41 -4.64 -1.35
N LEU A 177 27.14 -4.28 -1.19
CA LEU A 177 26.73 -3.22 -0.28
C LEU A 177 25.97 -3.81 0.89
N VAL A 178 26.11 -3.19 2.06
CA VAL A 178 25.39 -3.61 3.26
C VAL A 178 24.64 -2.41 3.81
N ALA A 179 23.36 -2.62 4.13
CA ALA A 179 22.54 -1.56 4.71
C ALA A 179 22.88 -1.34 6.18
N PHE A 180 22.67 -0.11 6.66
CA PHE A 180 22.98 0.23 8.04
C PHE A 180 22.12 1.40 8.48
N GLY A 181 22.08 1.64 9.78
CA GLY A 181 21.33 2.76 10.34
C GLY A 181 19.82 2.53 10.43
N GLU A 182 19.16 3.48 11.09
CA GLU A 182 17.71 3.48 11.21
C GLU A 182 17.05 3.66 9.84
N PRO A 183 15.95 2.94 9.56
CA PRO A 183 15.32 3.04 8.24
C PRO A 183 14.63 4.39 8.07
N LEU A 184 14.47 4.77 6.80
CA LEU A 184 13.81 6.00 6.42
C LEU A 184 12.36 5.72 5.96
N CYS A 185 11.67 6.80 5.57
CA CYS A 185 10.32 6.78 4.99
C CYS A 185 10.16 5.68 3.93
N ASP A 186 9.20 4.78 4.12
CA ASP A 186 9.15 3.56 3.32
C ASP A 186 8.33 3.76 2.04
N SER A 187 8.19 2.70 1.25
CA SER A 187 7.62 2.84 -0.09
C SER A 187 6.18 2.39 -0.19
N GLU A 188 5.47 2.20 0.94
CA GLU A 188 4.13 1.65 0.87
C GLU A 188 3.21 2.55 0.06
N ALA A 189 2.32 1.95 -0.71
CA ALA A 189 1.41 2.73 -1.52
C ALA A 189 0.36 3.40 -0.65
N VAL A 190 0.09 4.67 -0.92
CA VAL A 190 -0.89 5.46 -0.18
C VAL A 190 -1.79 6.21 -1.14
N LEU A 191 -3.01 6.48 -0.67
CA LEU A 191 -3.93 7.42 -1.32
C LEU A 191 -3.72 8.80 -0.70
N ILE A 192 -3.29 9.77 -1.50
CA ILE A 192 -3.07 11.13 -1.01
C ILE A 192 -4.16 12.03 -1.56
N GLU A 193 -4.44 13.11 -0.83
CA GLU A 193 -5.48 14.07 -1.15
C GLU A 193 -4.94 15.49 -1.06
N ARG A 194 -5.42 16.37 -1.93
CA ARG A 194 -4.99 17.76 -1.86
C ARG A 194 -5.51 18.40 -0.58
N ALA A 195 -4.65 19.15 0.11
CA ALA A 195 -5.07 19.86 1.30
C ALA A 195 -5.95 21.05 0.94
N GLY A 196 -6.94 21.32 1.76
CA GLY A 196 -7.82 22.45 1.52
C GLY A 196 -9.29 22.07 1.50
N THR A 197 -10.13 23.00 1.96
CA THR A 197 -11.54 22.70 2.23
C THR A 197 -12.46 23.03 1.07
N ASP A 198 -12.11 24.01 0.24
CA ASP A 198 -12.91 24.43 -0.90
C ASP A 198 -14.34 24.76 -0.50
N GLY A 199 -15.32 24.05 -1.06
CA GLY A 199 -16.70 24.45 -0.82
C GLY A 199 -17.75 23.35 -0.76
N GLN A 200 -17.80 22.64 0.36
CA GLN A 200 -18.92 21.77 0.74
C GLN A 200 -19.34 20.79 -0.35
N ASP A 201 -19.87 21.30 -1.47
CA ASP A 201 -20.32 20.43 -2.55
C ASP A 201 -19.17 19.57 -3.10
N GLN A 202 -17.93 20.02 -2.95
CA GLN A 202 -16.78 19.22 -3.38
C GLN A 202 -16.21 18.39 -2.26
N THR A 203 -16.40 18.81 -1.00
CA THR A 203 -16.08 17.95 0.13
C THR A 203 -16.84 16.62 0.06
N GLU A 204 -18.11 16.69 -0.37
CA GLU A 204 -18.95 15.49 -0.41
C GLU A 204 -18.45 14.50 -1.46
N ALA A 205 -18.16 14.98 -2.66
CA ALA A 205 -17.69 14.09 -3.71
C ALA A 205 -16.35 13.46 -3.33
N ARG A 206 -15.49 14.21 -2.63
CA ARG A 206 -14.22 13.69 -2.18
C ARG A 206 -14.39 12.59 -1.12
N ASP A 207 -15.27 12.85 -0.13
CA ASP A 207 -15.58 11.86 0.89
C ASP A 207 -16.05 10.54 0.28
N GLN A 208 -16.82 10.61 -0.80
CA GLN A 208 -17.35 9.41 -1.43
C GLN A 208 -16.25 8.52 -2.00
N LEU A 209 -15.28 9.13 -2.68
CA LEU A 209 -14.18 8.33 -3.23
C LEU A 209 -13.40 7.65 -2.11
N VAL A 210 -13.10 8.39 -1.04
CA VAL A 210 -12.31 7.83 0.06
C VAL A 210 -13.05 6.65 0.70
N ALA A 211 -14.36 6.80 0.93
CA ALA A 211 -15.14 5.71 1.51
C ALA A 211 -15.11 4.48 0.60
N ARG A 212 -15.15 4.69 -0.72
CA ARG A 212 -15.16 3.56 -1.64
C ARG A 212 -13.83 2.84 -1.68
N VAL A 213 -12.72 3.59 -1.75
CA VAL A 213 -11.41 2.94 -1.67
C VAL A 213 -11.23 2.31 -0.29
N GLN A 214 -11.70 2.97 0.77
CA GLN A 214 -11.58 2.36 2.09
C GLN A 214 -12.31 1.01 2.17
N GLY A 215 -13.45 0.89 1.47
CA GLY A 215 -14.14 -0.39 1.46
C GLY A 215 -13.30 -1.53 0.89
N VAL A 216 -12.47 -1.22 -0.11
CA VAL A 216 -11.59 -2.24 -0.68
C VAL A 216 -10.44 -2.51 0.29
N VAL A 217 -9.80 -1.45 0.80
CA VAL A 217 -8.69 -1.59 1.75
C VAL A 217 -9.10 -2.45 2.94
N PHE A 218 -10.28 -2.20 3.49
CA PHE A 218 -10.75 -2.98 4.63
C PHE A 218 -11.14 -4.39 4.20
N GLY A 219 -12.02 -4.51 3.19
CA GLY A 219 -12.48 -5.83 2.75
C GLY A 219 -11.35 -6.78 2.41
N GLN A 220 -10.30 -6.28 1.77
CA GLN A 220 -9.24 -7.18 1.30
C GLN A 220 -8.46 -7.84 2.44
N GLN A 221 -8.70 -7.44 3.69
CA GLN A 221 -8.05 -8.07 4.84
C GLN A 221 -8.79 -9.31 5.36
N TYR A 222 -9.97 -9.64 4.80
CA TYR A 222 -10.79 -10.75 5.29
C TYR A 222 -11.11 -11.76 4.18
N LEU A 223 -11.55 -12.95 4.62
CA LEU A 223 -12.21 -13.95 3.80
C LEU A 223 -13.58 -14.28 4.39
N MET A 224 -14.52 -14.67 3.54
CA MET A 224 -15.79 -15.23 4.00
C MET A 224 -15.63 -16.73 4.16
N LEU A 225 -15.85 -17.24 5.39
CA LEU A 225 -15.97 -18.67 5.63
C LEU A 225 -17.43 -19.10 5.58
N ASP A 226 -17.71 -20.17 4.82
CA ASP A 226 -18.99 -20.89 4.80
C ASP A 226 -18.71 -22.32 5.19
N TYR A 227 -19.52 -22.89 6.09
CA TYR A 227 -19.30 -24.31 6.42
C TYR A 227 -20.55 -24.95 7.01
N ASP A 228 -20.69 -26.26 6.77
CA ASP A 228 -21.76 -27.03 7.38
C ASP A 228 -21.34 -27.45 8.79
N CYS A 229 -22.28 -27.41 9.74
CA CYS A 229 -21.93 -27.66 11.17
C CYS A 229 -23.04 -28.43 11.89
N PRO A 230 -22.71 -29.53 12.59
CA PRO A 230 -23.69 -30.17 13.47
C PRO A 230 -24.22 -29.19 14.51
N ARG A 231 -25.53 -29.25 14.78
CA ARG A 231 -26.10 -28.37 15.80
C ARG A 231 -25.44 -28.62 17.16
N SER A 232 -25.00 -29.86 17.41
CA SER A 232 -24.37 -30.16 18.70
C SER A 232 -23.06 -29.40 18.88
N ALA A 233 -22.39 -29.05 17.78
CA ALA A 233 -21.14 -28.30 17.83
C ALA A 233 -21.33 -26.82 17.60
N LEU A 234 -22.59 -26.34 17.57
CA LEU A 234 -22.87 -24.96 17.17
C LEU A 234 -22.33 -23.96 18.18
N LYS A 235 -22.44 -24.26 19.47
CA LYS A 235 -21.97 -23.31 20.48
C LYS A 235 -20.47 -23.09 20.38
N LYS A 236 -19.72 -24.17 20.17
CA LYS A 236 -18.28 -24.05 20.02
C LYS A 236 -17.93 -23.31 18.72
N ALA A 237 -18.65 -23.62 17.63
CA ALA A 237 -18.35 -22.94 16.37
C ALA A 237 -18.54 -21.45 16.50
N THR A 238 -19.61 -21.02 17.20
CA THR A 238 -19.87 -19.60 17.34
C THR A 238 -18.69 -18.89 18.00
N ALA A 239 -18.05 -19.53 18.98
CA ALA A 239 -16.86 -18.93 19.60
C ALA A 239 -15.67 -18.92 18.67
N ILE A 240 -15.57 -19.90 17.76
CA ILE A 240 -14.41 -19.99 16.88
C ILE A 240 -14.51 -18.94 15.76
N THR A 241 -15.71 -18.69 15.22
CA THR A 241 -15.90 -17.69 14.17
C THR A 241 -16.97 -16.70 14.61
N PRO A 242 -16.60 -15.66 15.38
CA PRO A 242 -17.60 -14.68 15.81
C PRO A 242 -18.02 -13.72 14.71
N GLY A 243 -17.25 -13.62 13.62
CA GLY A 243 -17.61 -12.72 12.53
C GLY A 243 -17.43 -11.26 12.92
N LEU A 244 -17.85 -10.38 12.01
CA LEU A 244 -17.75 -8.95 12.29
C LEU A 244 -18.85 -8.47 13.23
N GLU A 245 -20.03 -9.06 13.15
CA GLU A 245 -21.07 -8.76 14.13
C GLU A 245 -21.40 -9.99 14.94
N SER A 246 -21.76 -11.07 14.28
CA SER A 246 -22.10 -12.35 14.86
C SER A 246 -22.41 -13.28 13.68
N PRO A 247 -22.11 -14.57 13.76
CA PRO A 247 -22.22 -15.43 12.57
C PRO A 247 -23.65 -15.58 12.10
N THR A 248 -23.82 -15.74 10.79
CA THR A 248 -25.12 -16.10 10.24
C THR A 248 -25.36 -17.58 10.45
N ILE A 249 -26.58 -17.94 10.87
CA ILE A 249 -26.94 -19.34 11.12
C ILE A 249 -28.21 -19.66 10.34
N ALA A 250 -28.15 -20.67 9.46
CA ALA A 250 -29.32 -21.10 8.68
C ALA A 250 -29.47 -22.61 8.72
N PRO A 251 -30.70 -23.12 8.75
CA PRO A 251 -30.88 -24.58 8.78
C PRO A 251 -30.55 -25.21 7.45
N LEU A 252 -30.07 -26.45 7.51
CA LEU A 252 -30.03 -27.36 6.38
C LEU A 252 -31.33 -28.17 6.31
N ALA A 253 -31.52 -28.88 5.20
CA ALA A 253 -32.66 -29.80 5.10
C ALA A 253 -32.62 -30.82 6.22
N ASP A 254 -31.47 -31.47 6.42
CA ASP A 254 -31.24 -32.34 7.57
C ASP A 254 -31.38 -31.55 8.87
N PRO A 255 -32.32 -31.91 9.75
CA PRO A 255 -32.58 -31.06 10.94
C PRO A 255 -31.50 -31.13 12.00
N ASP A 256 -30.57 -32.06 11.93
CA ASP A 256 -29.49 -32.07 12.92
C ASP A 256 -28.32 -31.16 12.55
N TRP A 257 -28.43 -30.38 11.47
CA TRP A 257 -27.31 -29.63 10.90
C TRP A 257 -27.72 -28.20 10.55
N VAL A 258 -26.72 -27.31 10.50
CA VAL A 258 -26.89 -25.93 10.04
C VAL A 258 -25.71 -25.54 9.15
N ALA A 259 -25.86 -24.39 8.49
CA ALA A 259 -24.76 -23.74 7.78
C ALA A 259 -24.45 -22.41 8.44
N ILE A 260 -23.15 -22.10 8.56
CA ILE A 260 -22.67 -20.93 9.27
C ILE A 260 -21.85 -20.08 8.30
N ARG A 261 -22.06 -18.77 8.35
CA ARG A 261 -21.31 -17.82 7.52
C ARG A 261 -20.67 -16.77 8.42
N ALA A 262 -19.38 -16.50 8.22
CA ALA A 262 -18.70 -15.52 9.07
C ALA A 262 -17.45 -14.97 8.39
N LEU A 263 -17.22 -13.66 8.53
CA LEU A 263 -15.98 -13.07 8.06
C LEU A 263 -14.83 -13.42 9.02
N VAL A 264 -13.67 -13.77 8.46
CA VAL A 264 -12.47 -14.00 9.28
C VAL A 264 -11.26 -13.35 8.61
N PRO A 265 -10.30 -12.90 9.41
CA PRO A 265 -9.10 -12.29 8.82
C PRO A 265 -8.28 -13.31 8.03
N ARG A 266 -7.82 -12.87 6.86
CA ARG A 266 -6.97 -13.71 6.00
C ARG A 266 -5.83 -14.34 6.79
N ARG A 267 -5.15 -13.57 7.62
CA ARG A 267 -3.98 -14.09 8.32
C ARG A 267 -4.35 -15.07 9.43
N ASP A 268 -5.63 -15.22 9.75
CA ASP A 268 -6.08 -16.18 10.75
C ASP A 268 -6.63 -17.49 10.16
N VAL A 269 -6.79 -17.57 8.83
CA VAL A 269 -7.76 -18.50 8.25
C VAL A 269 -7.38 -19.96 8.52
N ASN A 270 -6.10 -20.31 8.48
CA ASN A 270 -5.80 -21.74 8.50
C ASN A 270 -5.90 -22.31 9.90
N GLY A 271 -5.44 -21.56 10.91
CA GLY A 271 -5.70 -21.96 12.28
C GLY A 271 -7.18 -22.12 12.55
N ILE A 272 -8.00 -21.19 12.04
CA ILE A 272 -9.45 -21.24 12.27
C ILE A 272 -10.05 -22.52 11.70
N MET A 273 -9.64 -22.90 10.49
CA MET A 273 -10.18 -24.09 9.84
C MET A 273 -9.78 -25.36 10.58
N ASP A 274 -8.53 -25.43 11.04
CA ASP A 274 -8.12 -26.59 11.84
C ASP A 274 -9.00 -26.74 13.07
N GLU A 275 -9.30 -25.63 13.76
CA GLU A 275 -10.17 -25.71 14.92
C GLU A 275 -11.56 -26.16 14.55
N LEU A 276 -12.10 -25.66 13.43
CA LEU A 276 -13.45 -26.07 13.03
C LEU A 276 -13.49 -27.53 12.64
N ALA A 277 -12.47 -28.01 11.92
CA ALA A 277 -12.44 -29.41 11.55
C ALA A 277 -12.48 -30.31 12.78
N ALA A 278 -11.78 -29.90 13.85
CA ALA A 278 -11.67 -30.74 15.03
C ALA A 278 -12.93 -30.80 15.87
N ILE A 279 -13.94 -29.96 15.60
CA ILE A 279 -15.21 -30.04 16.31
C ILE A 279 -16.33 -30.60 15.45
N GLY A 280 -16.01 -31.11 14.26
CA GLY A 280 -16.99 -31.73 13.41
C GLY A 280 -17.49 -30.94 12.20
N ALA A 281 -16.87 -29.82 11.84
CA ALA A 281 -17.32 -29.02 10.70
C ALA A 281 -16.92 -29.68 9.38
N LYS A 282 -17.79 -29.57 8.37
CA LYS A 282 -17.54 -30.19 7.07
C LYS A 282 -17.72 -29.18 5.95
N ALA A 283 -17.09 -29.45 4.81
CA ALA A 283 -17.16 -28.62 3.60
C ALA A 283 -16.85 -27.15 3.93
N ILE A 284 -15.66 -26.93 4.47
CA ILE A 284 -15.26 -25.60 4.91
C ILE A 284 -14.79 -24.81 3.69
N LEU A 285 -15.57 -23.80 3.30
CA LEU A 285 -15.34 -23.00 2.09
C LEU A 285 -14.76 -21.65 2.46
N ALA A 286 -13.85 -21.14 1.64
CA ALA A 286 -13.22 -19.85 1.90
C ALA A 286 -13.17 -19.05 0.60
N SER A 287 -13.67 -17.80 0.66
CA SER A 287 -13.88 -16.97 -0.52
C SER A 287 -13.29 -15.57 -0.32
N ASP A 288 -12.75 -15.02 -1.41
CA ASP A 288 -12.19 -13.68 -1.44
C ASP A 288 -13.23 -12.60 -1.14
N ILE A 289 -12.84 -11.61 -0.33
CA ILE A 289 -13.64 -10.40 -0.16
C ILE A 289 -12.93 -9.26 -0.87
N ARG A 290 -13.65 -8.55 -1.74
CA ARG A 290 -13.06 -7.42 -2.45
C ARG A 290 -13.62 -6.06 -2.03
N PHE A 291 -14.71 -6.02 -1.25
CA PHE A 291 -15.29 -4.77 -0.80
C PHE A 291 -16.18 -5.01 0.42
N CYS A 292 -15.98 -4.21 1.47
CA CYS A 292 -16.83 -4.28 2.66
C CYS A 292 -16.86 -2.91 3.33
N ARG A 293 -18.06 -2.30 3.38
CA ARG A 293 -18.30 -1.08 4.15
C ARG A 293 -18.71 -1.47 5.56
N PHE A 294 -17.79 -1.35 6.51
CA PHE A 294 -18.08 -1.73 7.89
C PHE A 294 -19.19 -0.87 8.48
N HIS B . -25.35 -26.73 2.64
CA HIS B . -24.89 -26.76 1.25
C HIS B . -24.11 -28.02 0.96
O HIS B . -23.75 -28.29 -0.20
CB HIS B . -24.03 -25.52 0.93
CG HIS B . -22.77 -25.41 1.72
ND1 HIS B . -22.59 -24.44 2.69
CD2 HIS B . -21.60 -26.14 1.68
CE1 HIS B . -21.37 -24.58 3.22
NE2 HIS B . -20.77 -25.60 2.63
OXT HIS B . -23.82 -28.79 1.89
S SO4 C . 19.70 18.97 -6.16
O1 SO4 C . 19.20 18.51 -7.46
O2 SO4 C . 20.74 19.96 -6.41
O3 SO4 C . 18.60 19.57 -5.42
O4 SO4 C . 20.26 17.87 -5.40
S SO4 D . 15.70 -6.15 -4.19
O1 SO4 D . 16.59 -6.02 -5.33
O2 SO4 D . 16.26 -5.42 -3.06
O3 SO4 D . 15.56 -7.57 -3.84
O4 SO4 D . 14.38 -5.63 -4.53
S SO4 E . 36.33 -1.06 -11.73
O1 SO4 E . 36.99 -0.90 -13.02
O2 SO4 E . 36.80 -0.03 -10.80
O3 SO4 E . 34.88 -0.93 -11.88
O4 SO4 E . 36.64 -2.38 -11.19
S SO4 F . 3.79 -5.99 -1.57
O1 SO4 F . 2.97 -5.28 -2.56
O2 SO4 F . 5.10 -6.24 -2.16
O3 SO4 F . 3.93 -5.19 -0.36
O4 SO4 F . 3.14 -7.25 -1.23
S SO4 G . 29.93 -4.66 8.04
O1 SO4 G . 29.75 -3.28 7.60
O2 SO4 G . 31.33 -4.86 8.43
O3 SO4 G . 29.59 -5.59 6.96
O4 SO4 G . 29.07 -4.92 9.20
S SO4 H . -12.43 15.42 5.69
O1 SO4 H . -11.71 15.38 4.42
O2 SO4 H . -11.49 15.26 6.80
O3 SO4 H . -13.40 14.33 5.73
O4 SO4 H . -13.11 16.71 5.81
C1 GOL I . 22.71 1.25 13.44
O1 GOL I . 23.73 0.65 12.69
C2 GOL I . 22.92 2.76 13.33
O2 GOL I . 24.30 2.99 13.20
C3 GOL I . 22.36 3.53 14.51
O3 GOL I . 23.11 4.72 14.64
#